data_1M6D
#
_entry.id   1M6D
#
_cell.length_a   68.250
_cell.length_b   103.260
_cell.length_c   58.650
_cell.angle_alpha   90.00
_cell.angle_beta   90.00
_cell.angle_gamma   90.00
#
_symmetry.space_group_name_H-M   'P 21 21 2'
#
loop_
_entity.id
_entity.type
_entity.pdbx_description
1 polymer 'Cathepsin F'
2 non-polymer '4-MORPHOLIN-4-YL-PIPERIDINE-1-CARBOXYLIC ACID [1-(3-BENZENESULFONYL-1-PROPYL-ALLYLCARBAMOYL)-2-PHENYLETHYL]-AMIDE'
3 water water
#
_entity_poly.entity_id   1
_entity_poly.type   'polypeptide(L)'
_entity_poly.pdbx_seq_one_letter_code
;APPEWDWRSKGAVTKVKDQGMCGSCWAFSVTGNVEGQWFLNQGTLLSLSEQELLDCDKMDKACMGGLPSNAYSAIKNLGG
LETEDDYSYQGHMQSCQFSAEKAKVYIQDSVELSQNEQKLAAWLAKRGPISVAINAFGMQFYRHGISRPLRPLCSPWLID
HAVLLVGYGQRSDVPFWAIKNSWGTDWGEKGYYYLHRGSGACGVNTMASSAVVD
;
_entity_poly.pdbx_strand_id   A,B
#
# COMPACT_ATOMS: atom_id res chain seq x y z
N ALA A 1 24.95 13.71 -3.40
CA ALA A 1 23.56 13.17 -3.45
C ALA A 1 23.05 13.06 -4.89
N PRO A 2 22.22 12.05 -5.17
CA PRO A 2 21.66 11.82 -6.52
C PRO A 2 20.89 13.05 -7.01
N PRO A 3 20.87 13.26 -8.33
CA PRO A 3 20.16 14.40 -8.94
C PRO A 3 18.68 14.37 -8.55
N GLU A 4 18.14 13.16 -8.43
CA GLU A 4 16.75 12.97 -8.06
C GLU A 4 16.59 11.69 -7.25
N TRP A 5 15.51 11.59 -6.50
CA TRP A 5 15.27 10.41 -5.68
C TRP A 5 13.87 10.45 -5.13
N ASP A 6 13.21 9.30 -5.09
CA ASP A 6 11.85 9.22 -4.56
C ASP A 6 11.66 7.85 -3.91
N TRP A 7 11.27 7.84 -2.64
CA TRP A 7 11.08 6.60 -1.91
C TRP A 7 9.88 5.73 -2.25
N ARG A 8 8.92 6.26 -2.99
CA ARG A 8 7.73 5.48 -3.33
C ARG A 8 8.01 4.22 -4.14
N SER A 9 8.90 4.32 -5.11
CA SER A 9 9.23 3.18 -5.96
C SER A 9 10.22 2.27 -5.27
N LYS A 10 10.64 2.66 -4.07
CA LYS A 10 11.63 1.89 -3.34
C LYS A 10 11.07 1.18 -2.10
N GLY A 11 9.75 1.23 -1.94
CA GLY A 11 9.08 0.56 -0.84
C GLY A 11 9.10 1.13 0.56
N ALA A 12 9.50 2.39 0.71
CA ALA A 12 9.58 2.99 2.04
C ALA A 12 8.40 3.89 2.39
N VAL A 13 7.38 3.92 1.53
CA VAL A 13 6.22 4.76 1.78
C VAL A 13 4.89 4.00 1.69
N THR A 14 4.05 4.16 2.72
CA THR A 14 2.74 3.52 2.73
C THR A 14 1.80 4.31 1.83
N LYS A 15 0.58 3.82 1.67
CA LYS A 15 -0.40 4.52 0.83
C LYS A 15 -0.73 5.89 1.42
N VAL A 16 -1.30 6.74 0.58
CA VAL A 16 -1.72 8.06 1.03
C VAL A 16 -2.95 7.85 1.90
N LYS A 17 -2.92 8.42 3.11
CA LYS A 17 -4.02 8.28 4.05
C LYS A 17 -4.88 9.55 4.10
N ASP A 18 -5.98 9.48 4.83
CA ASP A 18 -6.91 10.61 4.93
C ASP A 18 -7.26 10.94 6.39
N GLN A 19 -6.88 12.13 6.83
CA GLN A 19 -7.14 12.62 8.18
C GLN A 19 -8.62 12.69 8.51
N GLY A 20 -9.41 13.01 7.51
CA GLY A 20 -10.83 13.20 7.73
C GLY A 20 -10.93 14.57 8.38
N MET A 21 -12.06 14.90 8.98
CA MET A 21 -12.22 16.20 9.63
C MET A 21 -11.64 16.14 11.03
N CYS A 22 -10.31 16.13 11.08
CA CYS A 22 -9.57 16.05 12.33
C CYS A 22 -8.18 16.63 12.09
N GLY A 23 -7.73 17.52 12.96
CA GLY A 23 -6.43 18.14 12.81
C GLY A 23 -5.31 17.23 13.28
N SER A 24 -5.27 16.03 12.73
CA SER A 24 -4.28 15.02 13.11
C SER A 24 -3.07 14.94 12.17
N CYS A 25 -2.87 15.96 11.35
CA CYS A 25 -1.75 15.98 10.41
C CYS A 25 -0.42 15.59 11.04
N TRP A 26 -0.17 16.12 12.23
CA TRP A 26 1.06 15.84 12.96
C TRP A 26 1.30 14.36 13.17
N ALA A 27 0.23 13.62 13.46
CA ALA A 27 0.32 12.18 13.69
C ALA A 27 0.68 11.44 12.40
N PHE A 28 0.12 11.88 11.27
CA PHE A 28 0.42 11.24 10.00
C PHE A 28 1.84 11.56 9.57
N SER A 29 2.31 12.76 9.87
CA SER A 29 3.67 13.16 9.52
C SER A 29 4.63 12.24 10.26
N VAL A 30 4.35 12.00 11.54
CA VAL A 30 5.20 11.14 12.35
C VAL A 30 5.12 9.66 11.98
N THR A 31 3.91 9.11 11.84
CA THR A 31 3.84 7.70 11.46
C THR A 31 4.51 7.49 10.10
N GLY A 32 4.32 8.42 9.18
CA GLY A 32 4.94 8.31 7.86
C GLY A 32 6.45 8.20 7.98
N ASN A 33 7.03 9.04 8.83
CA ASN A 33 8.47 9.02 9.02
C ASN A 33 8.91 7.70 9.68
N VAL A 34 8.20 7.28 10.72
CA VAL A 34 8.56 6.04 11.41
C VAL A 34 8.41 4.84 10.48
N GLU A 35 7.37 4.84 9.65
CA GLU A 35 7.16 3.74 8.70
C GLU A 35 8.38 3.60 7.80
N GLY A 36 8.91 4.73 7.35
CA GLY A 36 10.08 4.71 6.49
C GLY A 36 11.32 4.25 7.23
N GLN A 37 11.52 4.75 8.44
CA GLN A 37 12.69 4.36 9.22
C GLN A 37 12.69 2.87 9.56
N TRP A 38 11.54 2.31 9.93
CA TRP A 38 11.46 0.90 10.26
C TRP A 38 11.68 0.04 9.02
N PHE A 39 11.14 0.47 7.88
CA PHE A 39 11.33 -0.30 6.65
C PHE A 39 12.80 -0.37 6.27
N LEU A 40 13.46 0.79 6.25
CA LEU A 40 14.86 0.82 5.88
C LEU A 40 15.79 0.08 6.83
N ASN A 41 15.53 0.23 8.13
CA ASN A 41 16.39 -0.41 9.13
C ASN A 41 15.98 -1.79 9.63
N GLN A 42 14.72 -2.15 9.46
CA GLN A 42 14.26 -3.47 9.90
C GLN A 42 13.73 -4.33 8.75
N GLY A 43 13.64 -3.75 7.57
CA GLY A 43 13.23 -4.49 6.39
C GLY A 43 11.78 -4.69 5.99
N THR A 44 10.84 -4.22 6.79
CA THR A 44 9.44 -4.41 6.44
C THR A 44 8.66 -3.11 6.57
N LEU A 45 7.84 -2.83 5.56
CA LEU A 45 7.01 -1.62 5.55
C LEU A 45 5.68 -1.96 6.22
N LEU A 46 5.40 -1.30 7.34
CA LEU A 46 4.15 -1.53 8.06
C LEU A 46 3.37 -0.23 8.17
N SER A 47 2.07 -0.28 7.97
CA SER A 47 1.24 0.92 8.09
C SER A 47 0.96 1.04 9.58
N LEU A 48 1.41 2.14 10.18
CA LEU A 48 1.29 2.36 11.63
C LEU A 48 0.09 3.19 12.09
N SER A 49 -0.23 3.04 13.37
CA SER A 49 -1.38 3.69 13.99
C SER A 49 -1.31 5.15 14.41
N GLU A 50 -2.03 6.01 13.69
CA GLU A 50 -2.10 7.42 14.07
C GLU A 50 -3.04 7.52 15.25
N GLN A 51 -4.01 6.60 15.33
CA GLN A 51 -4.97 6.63 16.43
C GLN A 51 -4.25 6.51 17.77
N GLU A 52 -3.23 5.67 17.83
CA GLU A 52 -2.48 5.49 19.07
C GLU A 52 -2.00 6.86 19.55
N LEU A 53 -1.52 7.68 18.63
CA LEU A 53 -1.05 9.02 18.97
C LEU A 53 -2.21 9.92 19.39
N LEU A 54 -3.37 9.79 18.75
CA LEU A 54 -4.50 10.62 19.13
C LEU A 54 -4.98 10.30 20.54
N ASP A 55 -4.97 9.01 20.88
CA ASP A 55 -5.47 8.56 22.19
C ASP A 55 -4.45 8.46 23.32
N CYS A 56 -3.21 8.12 23.01
CA CYS A 56 -2.20 7.90 24.06
C CYS A 56 -1.13 8.97 24.27
N ASP A 57 -1.05 9.90 23.34
CA ASP A 57 -0.09 11.00 23.41
C ASP A 57 -0.83 12.15 24.08
N LYS A 58 -0.51 12.42 25.34
CA LYS A 58 -1.18 13.47 26.09
C LYS A 58 -0.53 14.85 26.06
N MET A 59 0.68 14.94 25.53
CA MET A 59 1.36 16.23 25.42
C MET A 59 0.67 16.94 24.25
N ASP A 60 0.30 16.16 23.25
CA ASP A 60 -0.38 16.71 22.08
C ASP A 60 -1.89 16.73 22.30
N LYS A 61 -2.65 17.26 21.34
CA LYS A 61 -4.09 17.37 21.53
C LYS A 61 -5.00 16.74 20.47
N ALA A 62 -4.64 15.54 20.03
CA ALA A 62 -5.42 14.79 19.05
C ALA A 62 -5.90 15.62 17.85
N CYS A 63 -7.21 15.74 17.67
CA CYS A 63 -7.73 16.48 16.52
C CYS A 63 -7.53 17.98 16.55
N MET A 64 -7.01 18.52 17.66
CA MET A 64 -6.78 19.96 17.69
C MET A 64 -5.32 20.35 17.50
N GLY A 65 -4.49 19.41 17.07
CA GLY A 65 -3.09 19.73 16.83
C GLY A 65 -2.05 19.02 17.65
N GLY A 66 -0.80 19.08 17.17
CA GLY A 66 0.29 18.44 17.87
C GLY A 66 1.65 18.80 17.28
N LEU A 67 2.70 18.37 17.97
CA LEU A 67 4.08 18.62 17.57
C LEU A 67 4.82 17.31 17.36
N PRO A 68 5.52 17.17 16.23
CA PRO A 68 6.27 15.94 15.97
C PRO A 68 7.18 15.58 17.16
N SER A 69 7.82 16.59 17.74
CA SER A 69 8.71 16.36 18.88
C SER A 69 7.99 15.69 20.05
N ASN A 70 6.75 16.12 20.32
CA ASN A 70 5.96 15.54 21.41
C ASN A 70 5.64 14.09 21.06
N ALA A 71 5.21 13.88 19.82
CA ALA A 71 4.85 12.55 19.34
C ALA A 71 5.99 11.54 19.44
N TYR A 72 7.20 11.92 19.03
CA TYR A 72 8.33 11.00 19.12
C TYR A 72 8.54 10.59 20.58
N SER A 73 8.47 11.58 21.47
CA SER A 73 8.65 11.33 22.89
C SER A 73 7.61 10.35 23.42
N ALA A 74 6.37 10.51 22.98
CA ALA A 74 5.28 9.65 23.40
C ALA A 74 5.49 8.21 22.93
N ILE A 75 5.87 8.06 21.67
CA ILE A 75 6.12 6.74 21.10
C ILE A 75 7.20 6.01 21.88
N LYS A 76 8.27 6.74 22.20
CA LYS A 76 9.38 6.17 22.95
C LYS A 76 8.92 5.76 24.35
N ASN A 77 8.17 6.64 25.01
CA ASN A 77 7.69 6.38 26.35
C ASN A 77 6.68 5.24 26.40
N LEU A 78 5.79 5.19 25.42
CA LEU A 78 4.77 4.14 25.37
C LEU A 78 5.40 2.77 25.15
N GLY A 79 6.50 2.74 24.42
CA GLY A 79 7.15 1.47 24.15
C GLY A 79 7.01 1.02 22.71
N GLY A 80 6.49 1.90 21.85
CA GLY A 80 6.34 1.53 20.46
C GLY A 80 5.07 1.96 19.78
N LEU A 81 4.92 1.56 18.52
CA LEU A 81 3.74 1.90 17.73
C LEU A 81 3.07 0.65 17.20
N GLU A 82 1.76 0.57 17.37
CA GLU A 82 0.99 -0.55 16.86
C GLU A 82 0.67 -0.26 15.40
N THR A 83 0.22 -1.27 14.67
CA THR A 83 -0.12 -1.10 13.26
C THR A 83 -1.54 -0.56 13.11
N GLU A 84 -1.84 -0.05 11.91
CA GLU A 84 -3.16 0.46 11.62
C GLU A 84 -4.17 -0.68 11.81
N ASP A 85 -3.75 -1.89 11.46
CA ASP A 85 -4.61 -3.08 11.59
C ASP A 85 -5.00 -3.37 13.04
N ASP A 86 -4.07 -3.15 13.96
CA ASP A 86 -4.32 -3.41 15.38
C ASP A 86 -4.96 -2.25 16.13
N TYR A 87 -4.77 -1.03 15.63
CA TYR A 87 -5.31 0.15 16.29
C TYR A 87 -5.75 1.10 15.18
N SER A 88 -6.94 0.84 14.64
CA SER A 88 -7.48 1.61 13.52
C SER A 88 -7.83 3.07 13.77
N TYR A 89 -7.69 3.85 12.69
CA TYR A 89 -7.97 5.29 12.72
C TYR A 89 -9.47 5.57 12.75
N GLN A 90 -9.87 6.40 13.72
CA GLN A 90 -11.27 6.77 13.91
C GLN A 90 -11.56 8.24 13.62
N GLY A 91 -10.53 9.06 13.54
CA GLY A 91 -10.76 10.47 13.26
C GLY A 91 -11.21 11.31 14.45
N HIS A 92 -11.14 10.74 15.65
CA HIS A 92 -11.51 11.46 16.87
C HIS A 92 -10.83 10.77 18.04
N MET A 93 -10.63 11.50 19.12
CA MET A 93 -9.96 10.91 20.29
C MET A 93 -10.81 9.86 21.00
N GLN A 94 -10.13 8.85 21.55
CA GLN A 94 -10.77 7.78 22.31
C GLN A 94 -9.85 7.56 23.50
N SER A 95 -10.20 6.62 24.38
CA SER A 95 -9.34 6.32 25.51
C SER A 95 -8.18 5.52 24.91
N CYS A 96 -7.03 5.55 25.55
CA CYS A 96 -5.87 4.84 25.03
C CYS A 96 -6.06 3.32 25.05
N GLN A 97 -5.91 2.70 23.88
CA GLN A 97 -6.07 1.25 23.72
C GLN A 97 -4.71 0.59 23.47
N PHE A 98 -3.64 1.30 23.78
CA PHE A 98 -2.30 0.75 23.57
C PHE A 98 -2.03 -0.48 24.42
N SER A 99 -1.35 -1.45 23.82
CA SER A 99 -1.01 -2.69 24.49
C SER A 99 0.43 -3.04 24.10
N ALA A 100 1.29 -3.12 25.10
CA ALA A 100 2.71 -3.42 24.90
C ALA A 100 3.02 -4.58 23.97
N GLU A 101 2.30 -5.69 24.10
CA GLU A 101 2.56 -6.85 23.25
C GLU A 101 2.13 -6.67 21.80
N LYS A 102 1.31 -5.67 21.55
CA LYS A 102 0.84 -5.39 20.19
C LYS A 102 1.81 -4.48 19.45
N ALA A 103 2.71 -3.82 20.18
CA ALA A 103 3.66 -2.92 19.53
C ALA A 103 4.54 -3.70 18.56
N LYS A 104 4.59 -3.25 17.31
CA LYS A 104 5.40 -3.91 16.30
C LYS A 104 6.60 -3.09 15.85
N VAL A 105 6.58 -1.80 16.18
CA VAL A 105 7.66 -0.90 15.81
C VAL A 105 8.04 -0.04 17.02
N TYR A 106 9.32 0.27 17.13
CA TYR A 106 9.79 1.11 18.24
C TYR A 106 10.90 2.02 17.75
N ILE A 107 11.09 3.14 18.46
CA ILE A 107 12.14 4.08 18.10
C ILE A 107 12.99 4.29 19.35
N GLN A 108 14.25 4.69 19.14
CA GLN A 108 15.17 4.89 20.25
C GLN A 108 15.37 6.37 20.56
N ASP A 109 15.10 7.22 19.57
CA ASP A 109 15.28 8.65 19.73
C ASP A 109 14.74 9.37 18.50
N SER A 110 15.03 10.67 18.40
CA SER A 110 14.60 11.47 17.27
C SER A 110 15.63 12.55 17.05
N VAL A 111 15.74 13.04 15.82
CA VAL A 111 16.70 14.09 15.51
C VAL A 111 16.10 15.24 14.72
N GLU A 112 16.64 16.43 14.94
CA GLU A 112 16.20 17.63 14.23
C GLU A 112 17.24 17.83 13.15
N LEU A 113 16.80 17.94 11.91
CA LEU A 113 17.72 18.08 10.79
C LEU A 113 18.00 19.52 10.38
N SER A 114 19.05 19.69 9.57
CA SER A 114 19.47 21.00 9.09
C SER A 114 18.41 21.65 8.21
N GLN A 115 18.41 22.98 8.18
CA GLN A 115 17.48 23.73 7.36
C GLN A 115 18.00 23.82 5.92
N ASN A 116 19.27 23.49 5.74
CA ASN A 116 19.88 23.54 4.41
C ASN A 116 19.23 22.50 3.50
N GLU A 117 18.54 22.96 2.47
CA GLU A 117 17.82 22.07 1.56
C GLU A 117 18.69 21.11 0.76
N GLN A 118 19.96 21.46 0.57
CA GLN A 118 20.83 20.56 -0.16
C GLN A 118 21.17 19.41 0.77
N LYS A 119 21.42 19.72 2.04
CA LYS A 119 21.73 18.73 3.05
C LYS A 119 20.50 17.84 3.29
N LEU A 120 19.32 18.46 3.27
CA LEU A 120 18.09 17.70 3.47
C LEU A 120 17.88 16.71 2.33
N ALA A 121 18.22 17.14 1.11
CA ALA A 121 18.08 16.26 -0.04
C ALA A 121 19.01 15.06 0.12
N ALA A 122 20.25 15.34 0.49
CA ALA A 122 21.25 14.30 0.68
C ALA A 122 20.81 13.31 1.76
N TRP A 123 20.30 13.85 2.87
CA TRP A 123 19.85 13.02 3.99
C TRP A 123 18.68 12.14 3.54
N LEU A 124 17.74 12.73 2.80
CA LEU A 124 16.57 11.98 2.34
C LEU A 124 16.99 10.80 1.47
N ALA A 125 17.84 11.05 0.47
CA ALA A 125 18.27 9.99 -0.44
C ALA A 125 19.02 8.86 0.29
N LYS A 126 19.66 9.20 1.40
CA LYS A 126 20.43 8.22 2.16
C LYS A 126 19.71 7.59 3.36
N ARG A 127 18.88 8.36 4.05
CA ARG A 127 18.24 7.84 5.24
C ARG A 127 16.72 7.71 5.26
N GLY A 128 16.04 8.20 4.22
CA GLY A 128 14.59 8.04 4.18
C GLY A 128 13.69 9.27 4.25
N PRO A 129 12.36 9.06 4.16
CA PRO A 129 11.37 10.14 4.22
C PRO A 129 11.56 10.99 5.47
N ILE A 130 11.42 12.31 5.30
CA ILE A 130 11.61 13.25 6.39
C ILE A 130 10.32 13.94 6.85
N SER A 131 10.12 13.99 8.17
CA SER A 131 8.94 14.68 8.70
C SER A 131 9.22 16.19 8.64
N VAL A 132 8.30 16.95 8.08
CA VAL A 132 8.48 18.40 8.01
C VAL A 132 7.21 19.15 8.35
N ALA A 133 7.37 20.29 9.01
CA ALA A 133 6.25 21.15 9.35
C ALA A 133 6.20 22.15 8.20
N ILE A 134 5.02 22.64 7.87
CA ILE A 134 4.90 23.55 6.73
C ILE A 134 3.74 24.52 6.84
N ASN A 135 3.83 25.64 6.13
CA ASN A 135 2.75 26.59 6.10
C ASN A 135 1.92 26.03 4.94
N ALA A 136 0.70 25.62 5.22
CA ALA A 136 -0.12 25.00 4.18
C ALA A 136 -0.91 25.91 3.25
N PHE A 137 -0.56 27.19 3.18
CA PHE A 137 -1.29 28.11 2.31
C PHE A 137 -1.36 27.66 0.85
N GLY A 138 -0.21 27.28 0.30
CA GLY A 138 -0.17 26.85 -1.09
C GLY A 138 -0.94 25.56 -1.35
N MET A 139 -1.13 24.77 -0.29
CA MET A 139 -1.85 23.51 -0.41
C MET A 139 -3.36 23.69 -0.40
N GLN A 140 -3.82 24.79 0.20
CA GLN A 140 -5.26 25.04 0.27
C GLN A 140 -5.95 25.07 -1.08
N PHE A 141 -5.29 25.65 -2.08
CA PHE A 141 -5.87 25.75 -3.41
C PHE A 141 -5.20 24.82 -4.41
N TYR A 142 -4.14 24.15 -3.97
CA TYR A 142 -3.37 23.25 -4.82
C TYR A 142 -4.18 22.26 -5.67
N ARG A 143 -3.80 22.18 -6.95
CA ARG A 143 -4.43 21.28 -7.92
C ARG A 143 -3.37 20.28 -8.37
N HIS A 144 -2.29 20.80 -8.91
CA HIS A 144 -1.17 19.99 -9.39
C HIS A 144 -0.04 20.91 -9.84
N GLY A 145 1.11 20.31 -10.18
CA GLY A 145 2.24 21.10 -10.62
C GLY A 145 3.17 21.46 -9.47
N ILE A 146 4.23 22.21 -9.77
CA ILE A 146 5.17 22.62 -8.73
C ILE A 146 4.70 23.91 -8.08
N SER A 147 4.24 23.80 -6.84
CA SER A 147 3.76 24.95 -6.09
C SER A 147 4.87 25.90 -5.65
N ARG A 148 4.63 27.20 -5.78
CA ARG A 148 5.60 28.20 -5.35
C ARG A 148 4.89 29.51 -5.07
N PRO A 149 4.13 29.57 -3.96
CA PRO A 149 3.41 30.79 -3.60
C PRO A 149 4.30 31.98 -3.28
N LEU A 150 3.75 33.18 -3.41
CA LEU A 150 4.52 34.39 -3.11
C LEU A 150 4.91 34.33 -1.63
N ARG A 151 6.06 34.90 -1.31
CA ARG A 151 6.59 34.90 0.05
C ARG A 151 5.60 35.34 1.14
N PRO A 152 4.95 36.50 0.96
CA PRO A 152 3.99 36.98 1.97
C PRO A 152 2.76 36.09 2.13
N LEU A 153 2.50 35.22 1.15
CA LEU A 153 1.35 34.33 1.24
C LEU A 153 1.69 33.03 1.95
N CYS A 154 2.96 32.63 1.92
CA CYS A 154 3.40 31.39 2.57
C CYS A 154 4.59 31.66 3.48
N SER A 155 4.40 32.54 4.45
CA SER A 155 5.47 32.86 5.38
C SER A 155 6.03 31.64 6.06
N PRO A 156 7.36 31.51 6.10
CA PRO A 156 8.01 30.37 6.74
C PRO A 156 7.85 30.43 8.26
N TRP A 157 7.28 31.53 8.75
CA TRP A 157 7.10 31.69 10.19
C TRP A 157 5.65 31.44 10.64
N LEU A 158 4.81 30.99 9.72
CA LEU A 158 3.42 30.70 10.03
C LEU A 158 3.12 29.24 9.69
N ILE A 159 3.72 28.35 10.46
CA ILE A 159 3.57 26.90 10.28
C ILE A 159 2.26 26.39 10.86
N ASP A 160 1.50 25.61 10.09
CA ASP A 160 0.21 25.11 10.58
C ASP A 160 -0.09 23.66 10.20
N HIS A 161 0.83 23.04 9.46
CA HIS A 161 0.61 21.70 8.96
C HIS A 161 1.88 20.85 9.08
N ALA A 162 1.73 19.53 9.08
CA ALA A 162 2.87 18.64 9.17
C ALA A 162 2.70 17.54 8.12
N VAL A 163 3.71 17.38 7.27
CA VAL A 163 3.68 16.41 6.19
C VAL A 163 4.96 15.59 6.09
N LEU A 164 5.19 14.98 4.93
CA LEU A 164 6.37 14.12 4.77
C LEU A 164 7.12 14.28 3.45
N LEU A 165 8.43 14.54 3.51
CA LEU A 165 9.23 14.66 2.30
C LEU A 165 9.53 13.24 1.83
N VAL A 166 9.11 12.89 0.62
CA VAL A 166 9.38 11.53 0.13
C VAL A 166 10.36 11.50 -1.03
N GLY A 167 10.53 12.64 -1.70
CA GLY A 167 11.45 12.67 -2.82
C GLY A 167 11.75 14.08 -3.32
N TYR A 168 12.61 14.17 -4.33
CA TYR A 168 12.96 15.45 -4.92
C TYR A 168 13.46 15.20 -6.33
N GLY A 169 13.52 16.27 -7.12
CA GLY A 169 13.98 16.16 -8.49
C GLY A 169 13.67 17.44 -9.22
N GLN A 170 13.46 17.35 -10.53
CA GLN A 170 13.13 18.52 -11.32
C GLN A 170 12.13 18.19 -12.42
N ARG A 171 11.28 19.16 -12.74
CA ARG A 171 10.31 19.03 -13.81
C ARG A 171 10.53 20.26 -14.70
N SER A 172 11.18 20.05 -15.83
CA SER A 172 11.48 21.13 -16.76
C SER A 172 12.43 22.14 -16.14
N ASP A 173 13.51 21.63 -15.54
CA ASP A 173 14.52 22.47 -14.91
C ASP A 173 14.05 23.18 -13.64
N VAL A 174 12.83 22.86 -13.18
CA VAL A 174 12.31 23.47 -11.96
C VAL A 174 12.47 22.46 -10.83
N PRO A 175 13.35 22.76 -9.85
CA PRO A 175 13.59 21.87 -8.72
C PRO A 175 12.38 21.76 -7.80
N PHE A 176 12.08 20.55 -7.35
CA PHE A 176 10.92 20.33 -6.49
C PHE A 176 11.14 19.32 -5.37
N TRP A 177 10.21 19.36 -4.41
CA TRP A 177 10.17 18.43 -3.30
C TRP A 177 8.88 17.65 -3.54
N ALA A 178 8.92 16.33 -3.41
CA ALA A 178 7.74 15.50 -3.56
C ALA A 178 7.28 15.31 -2.11
N ILE A 179 6.08 15.79 -1.80
CA ILE A 179 5.56 15.74 -0.44
C ILE A 179 4.28 14.94 -0.25
N LYS A 180 4.33 13.96 0.64
CA LYS A 180 3.15 13.13 0.92
C LYS A 180 2.22 13.87 1.87
N ASN A 181 0.99 14.08 1.44
CA ASN A 181 0.01 14.76 2.28
C ASN A 181 -0.91 13.71 2.88
N SER A 182 -1.80 14.13 3.78
CA SER A 182 -2.72 13.20 4.42
C SER A 182 -4.18 13.64 4.29
N TRP A 183 -4.55 14.10 3.10
CA TRP A 183 -5.91 14.53 2.84
C TRP A 183 -6.59 13.64 1.81
N GLY A 184 -6.15 12.38 1.71
CA GLY A 184 -6.75 11.48 0.75
C GLY A 184 -6.12 11.60 -0.63
N THR A 185 -6.42 10.65 -1.51
CA THR A 185 -5.85 10.63 -2.85
C THR A 185 -6.53 11.49 -3.91
N ASP A 186 -7.72 12.01 -3.61
CA ASP A 186 -8.40 12.86 -4.58
C ASP A 186 -7.82 14.26 -4.54
N TRP A 187 -7.01 14.53 -3.53
CA TRP A 187 -6.39 15.84 -3.36
C TRP A 187 -5.02 15.88 -4.02
N GLY A 188 -4.70 17.03 -4.62
CA GLY A 188 -3.40 17.20 -5.27
C GLY A 188 -3.10 16.17 -6.35
N GLU A 189 -1.82 15.79 -6.46
CA GLU A 189 -1.42 14.81 -7.45
C GLU A 189 -1.44 13.42 -6.81
N LYS A 190 -2.63 12.82 -6.79
CA LYS A 190 -2.81 11.49 -6.21
C LYS A 190 -2.45 11.52 -4.72
N GLY A 191 -2.76 12.63 -4.07
CA GLY A 191 -2.49 12.76 -2.65
C GLY A 191 -1.18 13.43 -2.33
N TYR A 192 -0.39 13.73 -3.35
CA TYR A 192 0.91 14.37 -3.16
C TYR A 192 0.95 15.83 -3.57
N TYR A 193 1.83 16.57 -2.89
CA TYR A 193 2.04 17.99 -3.11
C TYR A 193 3.47 18.17 -3.61
N TYR A 194 3.63 18.88 -4.72
CA TYR A 194 4.94 19.14 -5.27
C TYR A 194 5.26 20.61 -5.03
N LEU A 195 6.36 20.86 -4.33
CA LEU A 195 6.75 22.21 -3.93
C LEU A 195 8.14 22.61 -4.41
N HIS A 196 8.28 23.88 -4.79
CA HIS A 196 9.57 24.38 -5.26
C HIS A 196 10.64 24.06 -4.20
N ARG A 197 11.81 23.62 -4.67
CA ARG A 197 12.91 23.25 -3.79
C ARG A 197 14.09 24.20 -3.94
N GLY A 198 14.59 24.69 -2.81
CA GLY A 198 15.73 25.59 -2.83
C GLY A 198 15.45 27.02 -2.41
N SER A 199 14.20 27.34 -2.12
CA SER A 199 13.82 28.69 -1.73
C SER A 199 13.19 28.77 -0.33
N GLY A 200 13.30 27.68 0.43
CA GLY A 200 12.72 27.67 1.76
C GLY A 200 11.22 27.91 1.67
N ALA A 201 10.63 27.46 0.57
CA ALA A 201 9.22 27.64 0.31
C ALA A 201 8.31 27.16 1.43
N CYS A 202 7.45 28.06 1.90
CA CYS A 202 6.49 27.76 2.96
C CYS A 202 7.13 27.19 4.23
N GLY A 203 8.40 27.50 4.44
CA GLY A 203 9.09 27.03 5.63
C GLY A 203 9.26 25.52 5.68
N VAL A 204 9.16 24.88 4.52
CA VAL A 204 9.28 23.41 4.47
C VAL A 204 10.58 22.86 5.05
N ASN A 205 11.63 23.68 5.04
CA ASN A 205 12.92 23.25 5.54
C ASN A 205 13.23 23.65 6.98
N THR A 206 12.33 24.40 7.61
CA THR A 206 12.58 24.90 8.96
C THR A 206 12.39 23.98 10.15
N MET A 207 11.57 22.94 10.00
CA MET A 207 11.33 22.03 11.10
C MET A 207 11.37 20.57 10.66
N ALA A 208 12.48 20.19 10.01
CA ALA A 208 12.66 18.84 9.52
C ALA A 208 13.15 17.95 10.66
N SER A 209 12.61 16.74 10.75
CA SER A 209 13.01 15.82 11.80
C SER A 209 12.79 14.38 11.38
N SER A 210 13.31 13.46 12.18
CA SER A 210 13.14 12.05 11.91
C SER A 210 13.32 11.23 13.16
N ALA A 211 12.60 10.12 13.23
CA ALA A 211 12.73 9.22 14.35
C ALA A 211 14.04 8.49 14.11
N VAL A 212 14.60 7.90 15.16
CA VAL A 212 15.83 7.14 15.03
C VAL A 212 15.53 5.70 15.38
N VAL A 213 15.70 4.82 14.40
CA VAL A 213 15.44 3.41 14.61
C VAL A 213 16.78 2.72 14.44
N ASP A 214 17.43 2.43 15.57
CA ASP A 214 18.74 1.77 15.59
C ASP A 214 19.86 2.72 16.02
N ALA B 1 -14.66 -8.31 12.38
CA ALA B 1 -14.88 -8.92 11.04
C ALA B 1 -15.95 -10.01 11.12
N PRO B 2 -16.73 -10.19 10.04
CA PRO B 2 -17.79 -11.20 9.99
C PRO B 2 -17.23 -12.61 10.12
N PRO B 3 -18.06 -13.56 10.58
CA PRO B 3 -17.66 -14.97 10.75
C PRO B 3 -17.32 -15.62 9.41
N GLU B 4 -17.95 -15.13 8.35
CA GLU B 4 -17.73 -15.65 7.01
C GLU B 4 -18.02 -14.55 6.00
N TRP B 5 -17.45 -14.68 4.80
CA TRP B 5 -17.65 -13.69 3.76
C TRP B 5 -17.10 -14.22 2.45
N ASP B 6 -17.79 -13.92 1.35
CA ASP B 6 -17.36 -14.35 0.04
C ASP B 6 -17.83 -13.31 -0.96
N TRP B 7 -16.91 -12.83 -1.80
CA TRP B 7 -17.23 -11.79 -2.76
C TRP B 7 -17.94 -12.19 -4.05
N ARG B 8 -18.03 -13.49 -4.33
CA ARG B 8 -18.69 -13.94 -5.55
C ARG B 8 -20.14 -13.50 -5.69
N SER B 9 -20.91 -13.67 -4.61
CA SER B 9 -22.33 -13.30 -4.62
C SER B 9 -22.55 -11.80 -4.48
N LYS B 10 -21.46 -11.06 -4.25
CA LYS B 10 -21.56 -9.62 -4.08
C LYS B 10 -21.14 -8.86 -5.34
N GLY B 11 -20.80 -9.61 -6.38
CA GLY B 11 -20.44 -9.01 -7.65
C GLY B 11 -19.05 -8.46 -7.85
N ALA B 12 -18.12 -8.80 -6.97
CA ALA B 12 -16.74 -8.29 -7.07
C ALA B 12 -15.76 -9.29 -7.70
N VAL B 13 -16.27 -10.42 -8.17
CA VAL B 13 -15.40 -11.45 -8.76
C VAL B 13 -15.87 -11.93 -10.13
N THR B 14 -14.96 -11.95 -11.10
CA THR B 14 -15.30 -12.44 -12.44
C THR B 14 -15.24 -13.95 -12.43
N LYS B 15 -15.74 -14.58 -13.49
CA LYS B 15 -15.72 -16.02 -13.58
C LYS B 15 -14.28 -16.53 -13.59
N VAL B 16 -14.12 -17.82 -13.27
CA VAL B 16 -12.80 -18.44 -13.25
C VAL B 16 -12.20 -18.49 -14.66
N LYS B 17 -10.94 -18.10 -14.77
CA LYS B 17 -10.25 -18.09 -16.05
C LYS B 17 -9.28 -19.26 -16.17
N ASP B 18 -8.64 -19.39 -17.33
CA ASP B 18 -7.70 -20.48 -17.55
C ASP B 18 -6.44 -19.97 -18.21
N GLN B 19 -5.32 -20.08 -17.50
CA GLN B 19 -4.03 -19.61 -18.00
C GLN B 19 -3.47 -20.53 -19.08
N GLY B 20 -3.98 -21.75 -19.15
CA GLY B 20 -3.49 -22.69 -20.14
C GLY B 20 -2.11 -23.20 -19.78
N MET B 21 -1.29 -23.50 -20.79
CA MET B 21 0.05 -24.00 -20.54
C MET B 21 1.08 -22.90 -20.34
N CYS B 22 0.62 -21.71 -20.01
CA CYS B 22 1.49 -20.57 -19.79
C CYS B 22 1.59 -20.28 -18.30
N GLY B 23 2.81 -20.08 -17.80
CA GLY B 23 3.02 -19.81 -16.40
C GLY B 23 2.72 -18.36 -16.05
N SER B 24 1.51 -17.91 -16.37
CA SER B 24 1.11 -16.53 -16.14
C SER B 24 0.21 -16.34 -14.91
N CYS B 25 0.28 -17.24 -13.95
CA CYS B 25 -0.54 -17.15 -12.76
C CYS B 25 -0.48 -15.75 -12.13
N TRP B 26 0.71 -15.17 -12.08
CA TRP B 26 0.88 -13.84 -11.48
C TRP B 26 -0.03 -12.79 -12.11
N ALA B 27 -0.20 -12.85 -13.43
CA ALA B 27 -1.04 -11.88 -14.13
C ALA B 27 -2.51 -12.03 -13.75
N PHE B 28 -2.97 -13.27 -13.59
CA PHE B 28 -4.35 -13.52 -13.22
C PHE B 28 -4.61 -13.12 -11.76
N SER B 29 -3.60 -13.29 -10.91
CA SER B 29 -3.75 -12.91 -9.50
C SER B 29 -3.97 -11.40 -9.45
N VAL B 30 -3.19 -10.67 -10.25
CA VAL B 30 -3.29 -9.22 -10.29
C VAL B 30 -4.59 -8.71 -10.91
N THR B 31 -4.99 -9.23 -12.07
CA THR B 31 -6.23 -8.76 -12.68
C THR B 31 -7.42 -9.09 -11.78
N GLY B 32 -7.40 -10.24 -11.13
CA GLY B 32 -8.49 -10.61 -10.24
C GLY B 32 -8.60 -9.62 -9.10
N ASN B 33 -7.46 -9.22 -8.54
CA ASN B 33 -7.48 -8.25 -7.45
C ASN B 33 -7.93 -6.89 -7.97
N VAL B 34 -7.43 -6.49 -9.12
CA VAL B 34 -7.78 -5.19 -9.69
C VAL B 34 -9.27 -5.16 -10.08
N GLU B 35 -9.79 -6.27 -10.59
CA GLU B 35 -11.21 -6.34 -10.96
C GLU B 35 -12.07 -6.09 -9.72
N GLY B 36 -11.66 -6.69 -8.61
CA GLY B 36 -12.40 -6.51 -7.37
C GLY B 36 -12.32 -5.07 -6.88
N GLN B 37 -11.11 -4.50 -6.90
CA GLN B 37 -10.94 -3.13 -6.45
C GLN B 37 -11.71 -2.11 -7.29
N TRP B 38 -11.71 -2.30 -8.61
CA TRP B 38 -12.43 -1.37 -9.48
C TRP B 38 -13.93 -1.48 -9.25
N PHE B 39 -14.43 -2.69 -9.01
CA PHE B 39 -15.86 -2.84 -8.77
C PHE B 39 -16.25 -2.13 -7.48
N LEU B 40 -15.50 -2.38 -6.42
CA LEU B 40 -15.77 -1.79 -5.12
C LEU B 40 -15.48 -0.31 -4.97
N ASN B 41 -14.61 0.23 -5.81
CA ASN B 41 -14.26 1.64 -5.73
C ASN B 41 -14.73 2.52 -6.89
N GLN B 42 -15.18 1.89 -7.97
CA GLN B 42 -15.68 2.66 -9.12
C GLN B 42 -17.08 2.21 -9.54
N GLY B 43 -17.52 1.05 -9.04
CA GLY B 43 -18.87 0.59 -9.32
C GLY B 43 -19.16 -0.40 -10.43
N THR B 44 -18.15 -0.84 -11.18
CA THR B 44 -18.40 -1.78 -12.25
C THR B 44 -17.40 -2.91 -12.30
N LEU B 45 -17.90 -4.13 -12.49
CA LEU B 45 -17.05 -5.31 -12.59
C LEU B 45 -16.72 -5.54 -14.05
N LEU B 46 -15.43 -5.49 -14.36
CA LEU B 46 -14.96 -5.69 -15.72
C LEU B 46 -13.94 -6.82 -15.71
N SER B 47 -13.89 -7.58 -16.80
CA SER B 47 -12.91 -8.66 -16.91
C SER B 47 -11.72 -7.98 -17.58
N LEU B 48 -10.60 -7.92 -16.86
CA LEU B 48 -9.41 -7.23 -17.34
C LEU B 48 -8.37 -8.10 -18.05
N SER B 49 -7.53 -7.45 -18.84
CA SER B 49 -6.52 -8.12 -19.64
C SER B 49 -5.22 -8.58 -19.00
N GLU B 50 -5.03 -9.90 -18.98
CA GLU B 50 -3.81 -10.48 -18.44
C GLU B 50 -2.76 -10.34 -19.54
N GLN B 51 -3.22 -10.39 -20.79
CA GLN B 51 -2.34 -10.29 -21.94
C GLN B 51 -1.54 -8.99 -21.93
N GLU B 52 -2.14 -7.91 -21.45
CA GLU B 52 -1.43 -6.63 -21.39
C GLU B 52 -0.20 -6.79 -20.51
N LEU B 53 -0.34 -7.56 -19.43
CA LEU B 53 0.79 -7.78 -18.53
C LEU B 53 1.83 -8.68 -19.17
N LEU B 54 1.38 -9.63 -19.99
CA LEU B 54 2.32 -10.52 -20.66
C LEU B 54 3.17 -9.79 -21.69
N ASP B 55 2.56 -8.83 -22.39
CA ASP B 55 3.25 -8.09 -23.44
C ASP B 55 3.91 -6.76 -23.08
N CYS B 56 3.30 -6.01 -22.18
CA CYS B 56 3.80 -4.67 -21.84
C CYS B 56 4.52 -4.51 -20.51
N ASP B 57 4.84 -5.62 -19.87
CA ASP B 57 5.52 -5.62 -18.59
C ASP B 57 6.80 -6.43 -18.76
N LYS B 58 7.94 -5.75 -18.90
CA LYS B 58 9.20 -6.46 -19.09
C LYS B 58 9.97 -6.73 -17.82
N MET B 59 9.45 -6.25 -16.68
CA MET B 59 10.11 -6.50 -15.41
C MET B 59 9.77 -7.96 -15.12
N ASP B 60 8.53 -8.33 -15.43
CA ASP B 60 8.06 -9.69 -15.25
C ASP B 60 8.35 -10.42 -16.58
N LYS B 61 8.18 -11.74 -16.61
CA LYS B 61 8.49 -12.49 -17.82
C LYS B 61 7.39 -13.38 -18.39
N ALA B 62 6.18 -12.86 -18.45
CA ALA B 62 5.04 -13.59 -18.99
C ALA B 62 4.88 -15.03 -18.50
N CYS B 63 4.98 -15.99 -19.41
CA CYS B 63 4.81 -17.41 -19.07
C CYS B 63 5.92 -17.98 -18.19
N MET B 64 7.01 -17.24 -18.06
CA MET B 64 8.13 -17.69 -17.23
C MET B 64 8.05 -17.18 -15.79
N GLY B 65 6.96 -16.48 -15.47
CA GLY B 65 6.78 -15.99 -14.11
C GLY B 65 6.84 -14.49 -13.91
N GLY B 66 6.26 -14.04 -12.79
CA GLY B 66 6.25 -12.63 -12.46
C GLY B 66 5.89 -12.41 -11.00
N LEU B 67 5.88 -11.16 -10.59
CA LEU B 67 5.55 -10.80 -9.21
C LEU B 67 4.46 -9.73 -9.22
N PRO B 68 3.42 -9.91 -8.40
CA PRO B 68 2.34 -8.92 -8.36
C PRO B 68 2.88 -7.50 -8.11
N SER B 69 3.94 -7.40 -7.31
CA SER B 69 4.53 -6.10 -7.01
C SER B 69 4.96 -5.38 -8.27
N ASN B 70 5.63 -6.10 -9.18
CA ASN B 70 6.08 -5.52 -10.43
C ASN B 70 4.90 -5.22 -11.35
N ALA B 71 3.89 -6.09 -11.32
CA ALA B 71 2.71 -5.93 -12.15
C ALA B 71 1.97 -4.63 -11.82
N TYR B 72 1.73 -4.37 -10.54
CA TYR B 72 1.03 -3.16 -10.13
C TYR B 72 1.78 -1.94 -10.67
N SER B 73 3.10 -1.96 -10.54
CA SER B 73 3.94 -0.86 -11.01
C SER B 73 3.86 -0.69 -12.52
N ALA B 74 3.86 -1.79 -13.25
CA ALA B 74 3.80 -1.73 -14.71
C ALA B 74 2.48 -1.11 -15.18
N ILE B 75 1.39 -1.51 -14.54
CA ILE B 75 0.07 -0.98 -14.88
C ILE B 75 0.01 0.52 -14.64
N LYS B 76 0.57 0.95 -13.51
CA LYS B 76 0.57 2.36 -13.17
C LYS B 76 1.41 3.13 -14.20
N ASN B 77 2.62 2.63 -14.46
CA ASN B 77 3.52 3.28 -15.41
C ASN B 77 2.98 3.32 -16.83
N LEU B 78 2.33 2.25 -17.27
CA LEU B 78 1.76 2.19 -18.61
C LEU B 78 0.64 3.21 -18.75
N GLY B 79 -0.13 3.40 -17.68
CA GLY B 79 -1.21 4.36 -17.71
C GLY B 79 -2.61 3.74 -17.68
N GLY B 80 -2.70 2.47 -17.31
CA GLY B 80 -4.00 1.83 -17.24
C GLY B 80 -4.03 0.38 -17.66
N LEU B 81 -5.20 -0.23 -17.53
CA LEU B 81 -5.38 -1.63 -17.88
C LEU B 81 -6.60 -1.77 -18.81
N GLU B 82 -6.43 -2.47 -19.92
CA GLU B 82 -7.51 -2.68 -20.86
C GLU B 82 -8.34 -3.88 -20.43
N THR B 83 -9.48 -4.07 -21.08
CA THR B 83 -10.36 -5.20 -20.77
C THR B 83 -9.95 -6.44 -21.53
N GLU B 84 -10.47 -7.58 -21.10
CA GLU B 84 -10.18 -8.86 -21.73
C GLU B 84 -10.60 -8.79 -23.20
N ASP B 85 -11.74 -8.15 -23.46
CA ASP B 85 -12.25 -8.02 -24.82
C ASP B 85 -11.43 -7.12 -25.73
N ASP B 86 -10.81 -6.08 -25.18
CA ASP B 86 -10.01 -5.17 -26.00
C ASP B 86 -8.56 -5.64 -26.13
N TYR B 87 -8.20 -6.65 -25.34
CA TYR B 87 -6.83 -7.17 -25.36
C TYR B 87 -6.90 -8.60 -24.84
N SER B 88 -7.39 -9.50 -25.70
CA SER B 88 -7.56 -10.91 -25.37
C SER B 88 -6.32 -11.72 -25.03
N TYR B 89 -6.52 -12.74 -24.20
CA TYR B 89 -5.45 -13.62 -23.73
C TYR B 89 -4.98 -14.57 -24.83
N GLN B 90 -3.67 -14.60 -25.05
CA GLN B 90 -3.06 -15.45 -26.07
C GLN B 90 -2.24 -16.60 -25.48
N GLY B 91 -1.88 -16.48 -24.21
CA GLY B 91 -1.12 -17.55 -23.57
C GLY B 91 0.36 -17.55 -23.90
N HIS B 92 0.85 -16.45 -24.45
CA HIS B 92 2.26 -16.30 -24.79
C HIS B 92 2.55 -14.83 -25.01
N MET B 93 3.79 -14.42 -24.80
CA MET B 93 4.17 -13.03 -24.96
C MET B 93 4.17 -12.59 -26.42
N GLN B 94 3.93 -11.31 -26.63
CA GLN B 94 3.91 -10.70 -27.95
C GLN B 94 4.21 -9.22 -27.78
N SER B 95 4.46 -8.51 -28.88
CA SER B 95 4.76 -7.09 -28.81
C SER B 95 3.60 -6.37 -28.13
N CYS B 96 3.93 -5.38 -27.31
CA CYS B 96 2.90 -4.63 -26.59
C CYS B 96 1.90 -3.93 -27.50
N GLN B 97 0.63 -4.16 -27.24
CA GLN B 97 -0.46 -3.57 -28.03
C GLN B 97 -1.29 -2.62 -27.16
N PHE B 98 -0.74 -2.20 -26.04
CA PHE B 98 -1.45 -1.29 -25.14
C PHE B 98 -1.78 0.03 -25.80
N SER B 99 -3.00 0.49 -25.54
CA SER B 99 -3.50 1.75 -26.08
C SER B 99 -4.07 2.58 -24.92
N ALA B 100 -3.42 3.69 -24.62
CA ALA B 100 -3.85 4.56 -23.53
C ALA B 100 -5.33 4.92 -23.61
N GLU B 101 -5.88 5.00 -24.82
CA GLU B 101 -7.29 5.35 -24.99
C GLU B 101 -8.23 4.17 -24.83
N LYS B 102 -7.68 2.97 -24.78
CA LYS B 102 -8.48 1.77 -24.61
C LYS B 102 -8.59 1.37 -23.15
N ALA B 103 -7.66 1.87 -22.34
CA ALA B 103 -7.63 1.55 -20.91
C ALA B 103 -8.90 2.04 -20.22
N LYS B 104 -9.47 1.20 -19.36
CA LYS B 104 -10.69 1.56 -18.62
C LYS B 104 -10.49 1.50 -17.11
N VAL B 105 -9.37 0.94 -16.67
CA VAL B 105 -9.09 0.83 -15.25
C VAL B 105 -7.71 1.40 -14.96
N TYR B 106 -7.58 2.13 -13.85
CA TYR B 106 -6.31 2.73 -13.50
C TYR B 106 -5.88 2.42 -12.08
N ILE B 107 -4.57 2.28 -11.89
CA ILE B 107 -3.98 1.98 -10.59
C ILE B 107 -3.08 3.15 -10.19
N GLN B 108 -3.18 3.60 -8.95
CA GLN B 108 -2.36 4.71 -8.47
C GLN B 108 -1.34 4.29 -7.44
N ASP B 109 -1.52 3.10 -6.88
CA ASP B 109 -0.60 2.62 -5.85
C ASP B 109 -0.91 1.14 -5.59
N SER B 110 -0.19 0.57 -4.63
CA SER B 110 -0.42 -0.82 -4.23
C SER B 110 0.04 -0.94 -2.80
N VAL B 111 -0.55 -1.86 -2.05
CA VAL B 111 -0.19 -2.04 -0.66
C VAL B 111 0.11 -3.49 -0.30
N GLU B 112 0.98 -3.66 0.69
CA GLU B 112 1.33 -4.98 1.20
C GLU B 112 0.47 -5.12 2.43
N LEU B 113 -0.22 -6.24 2.55
CA LEU B 113 -1.10 -6.46 3.69
C LEU B 113 -0.48 -7.27 4.82
N SER B 114 -1.16 -7.27 5.95
CA SER B 114 -0.70 -7.98 7.14
C SER B 114 -0.44 -9.47 6.90
N GLN B 115 0.42 -10.04 7.73
CA GLN B 115 0.74 -11.46 7.66
C GLN B 115 -0.11 -12.22 8.67
N ASN B 116 -0.94 -11.48 9.40
CA ASN B 116 -1.84 -12.07 10.39
C ASN B 116 -3.11 -12.43 9.61
N GLU B 117 -3.48 -13.71 9.61
CA GLU B 117 -4.65 -14.14 8.87
C GLU B 117 -5.98 -13.60 9.39
N GLN B 118 -6.02 -13.25 10.68
CA GLN B 118 -7.24 -12.69 11.23
C GLN B 118 -7.41 -11.29 10.64
N LYS B 119 -6.31 -10.56 10.55
CA LYS B 119 -6.34 -9.22 9.99
C LYS B 119 -6.58 -9.28 8.48
N LEU B 120 -6.12 -10.35 7.85
CA LEU B 120 -6.32 -10.49 6.41
C LEU B 120 -7.80 -10.76 6.12
N ALA B 121 -8.43 -11.56 6.97
CA ALA B 121 -9.85 -11.87 6.80
C ALA B 121 -10.66 -10.58 6.97
N ALA B 122 -10.26 -9.75 7.93
CA ALA B 122 -10.95 -8.48 8.18
C ALA B 122 -10.80 -7.54 6.98
N TRP B 123 -9.61 -7.50 6.39
CA TRP B 123 -9.36 -6.63 5.25
C TRP B 123 -10.20 -7.11 4.07
N LEU B 124 -10.17 -8.42 3.83
CA LEU B 124 -10.93 -8.99 2.73
C LEU B 124 -12.42 -8.63 2.82
N ALA B 125 -13.01 -8.84 3.99
CA ALA B 125 -14.42 -8.57 4.19
C ALA B 125 -14.78 -7.09 4.02
N LYS B 126 -13.80 -6.22 4.29
CA LYS B 126 -14.05 -4.79 4.19
C LYS B 126 -13.60 -4.10 2.90
N ARG B 127 -12.55 -4.63 2.26
CA ARG B 127 -12.03 -4.00 1.06
C ARG B 127 -11.94 -4.83 -0.22
N GLY B 128 -12.25 -6.12 -0.14
CA GLY B 128 -12.23 -6.94 -1.34
C GLY B 128 -11.21 -8.06 -1.48
N PRO B 129 -11.27 -8.80 -2.60
CA PRO B 129 -10.37 -9.92 -2.90
C PRO B 129 -8.90 -9.51 -2.80
N ILE B 130 -8.10 -10.41 -2.23
CA ILE B 130 -6.68 -10.15 -2.00
C ILE B 130 -5.76 -11.04 -2.84
N SER B 131 -4.76 -10.43 -3.47
CA SER B 131 -3.78 -11.17 -4.26
C SER B 131 -2.84 -11.85 -3.26
N VAL B 132 -2.64 -13.15 -3.41
CA VAL B 132 -1.72 -13.88 -2.53
C VAL B 132 -0.83 -14.83 -3.31
N ALA B 133 0.37 -15.06 -2.79
CA ALA B 133 1.30 -15.99 -3.42
C ALA B 133 1.33 -17.19 -2.49
N ILE B 134 1.28 -18.39 -3.06
CA ILE B 134 1.29 -19.59 -2.23
C ILE B 134 2.14 -20.72 -2.78
N ASN B 135 2.43 -21.68 -1.93
CA ASN B 135 3.17 -22.86 -2.31
C ASN B 135 2.07 -23.76 -2.86
N ALA B 136 2.20 -24.17 -4.12
CA ALA B 136 1.18 -25.00 -4.76
C ALA B 136 1.26 -26.50 -4.48
N PHE B 137 2.00 -26.90 -3.44
CA PHE B 137 2.14 -28.31 -3.11
C PHE B 137 0.81 -29.07 -3.05
N GLY B 138 -0.16 -28.52 -2.33
CA GLY B 138 -1.45 -29.20 -2.21
C GLY B 138 -2.48 -28.94 -3.29
N MET B 139 -2.05 -28.70 -4.52
CA MET B 139 -2.99 -28.40 -5.60
C MET B 139 -3.07 -29.34 -6.80
N GLN B 140 -1.93 -29.86 -7.25
CA GLN B 140 -1.93 -30.75 -8.41
C GLN B 140 -2.89 -31.92 -8.28
N PHE B 141 -2.78 -32.67 -7.19
CA PHE B 141 -3.66 -33.81 -6.97
C PHE B 141 -4.93 -33.43 -6.22
N TYR B 142 -5.24 -32.14 -6.21
CA TYR B 142 -6.44 -31.61 -5.53
C TYR B 142 -7.74 -31.80 -6.29
N ARG B 143 -8.80 -32.14 -5.56
CA ARG B 143 -10.12 -32.34 -6.16
C ARG B 143 -11.17 -31.49 -5.45
N HIS B 144 -11.23 -31.60 -4.12
CA HIS B 144 -12.19 -30.86 -3.32
C HIS B 144 -11.84 -30.94 -1.84
N GLY B 145 -12.58 -30.20 -1.02
CA GLY B 145 -12.34 -30.21 0.41
C GLY B 145 -11.38 -29.14 0.88
N ILE B 146 -11.24 -28.99 2.19
CA ILE B 146 -10.34 -27.99 2.75
C ILE B 146 -8.93 -28.59 2.87
N SER B 147 -8.06 -28.15 1.98
CA SER B 147 -6.69 -28.62 1.94
C SER B 147 -5.84 -28.13 3.10
N ARG B 148 -5.12 -29.06 3.73
CA ARG B 148 -4.21 -28.72 4.83
C ARG B 148 -3.03 -29.68 4.69
N PRO B 149 -2.12 -29.37 3.76
CA PRO B 149 -0.93 -30.20 3.52
C PRO B 149 -0.06 -30.32 4.76
N LEU B 150 0.71 -31.42 4.82
CA LEU B 150 1.63 -31.63 5.93
C LEU B 150 2.45 -30.36 5.96
N ARG B 151 2.35 -29.62 7.06
CA ARG B 151 3.02 -28.34 7.21
C ARG B 151 4.36 -28.13 6.51
N PRO B 152 5.40 -28.90 6.87
CA PRO B 152 6.71 -28.73 6.22
C PRO B 152 6.74 -28.87 4.70
N LEU B 153 5.75 -29.54 4.13
CA LEU B 153 5.69 -29.74 2.69
C LEU B 153 5.12 -28.53 1.94
N CYS B 154 4.53 -27.59 2.66
CA CYS B 154 3.95 -26.40 2.04
C CYS B 154 4.47 -25.16 2.77
N SER B 155 5.80 -25.04 2.85
CA SER B 155 6.41 -23.92 3.56
C SER B 155 6.51 -22.70 2.65
N PRO B 156 6.62 -21.51 3.26
CA PRO B 156 6.73 -20.28 2.48
C PRO B 156 8.04 -20.12 1.70
N TRP B 157 8.99 -21.03 1.90
CA TRP B 157 10.26 -20.95 1.19
C TRP B 157 10.17 -21.39 -0.26
N LEU B 158 9.07 -22.04 -0.61
CA LEU B 158 8.90 -22.51 -1.97
C LEU B 158 7.62 -22.03 -2.62
N ILE B 159 7.29 -20.76 -2.39
CA ILE B 159 6.10 -20.15 -2.99
C ILE B 159 6.36 -20.19 -4.49
N ASP B 160 5.36 -20.58 -5.27
CA ASP B 160 5.54 -20.70 -6.71
C ASP B 160 4.27 -20.47 -7.51
N HIS B 161 3.26 -19.88 -6.88
CA HIS B 161 1.98 -19.66 -7.54
C HIS B 161 1.36 -18.38 -6.97
N ALA B 162 0.56 -17.71 -7.79
CA ALA B 162 -0.11 -16.47 -7.36
C ALA B 162 -1.58 -16.67 -7.65
N VAL B 163 -2.41 -16.45 -6.64
CA VAL B 163 -3.86 -16.63 -6.76
C VAL B 163 -4.62 -15.52 -6.07
N LEU B 164 -5.89 -15.76 -5.76
CA LEU B 164 -6.72 -14.72 -5.15
C LEU B 164 -7.64 -15.18 -4.02
N LEU B 165 -7.56 -14.51 -2.87
CA LEU B 165 -8.44 -14.85 -1.76
C LEU B 165 -9.77 -14.16 -2.05
N VAL B 166 -10.83 -14.95 -2.15
CA VAL B 166 -12.16 -14.41 -2.46
C VAL B 166 -13.09 -14.45 -1.26
N GLY B 167 -12.86 -15.42 -0.36
CA GLY B 167 -13.71 -15.51 0.81
C GLY B 167 -13.12 -16.39 1.91
N TYR B 168 -13.88 -16.55 2.98
CA TYR B 168 -13.44 -17.38 4.09
C TYR B 168 -14.65 -17.80 4.90
N GLY B 169 -14.48 -18.81 5.74
CA GLY B 169 -15.57 -19.29 6.55
C GLY B 169 -15.15 -20.56 7.24
N GLN B 170 -16.11 -21.42 7.53
CA GLN B 170 -15.81 -22.68 8.20
C GLN B 170 -16.71 -23.77 7.64
N ARG B 171 -16.14 -24.94 7.44
CA ARG B 171 -16.88 -26.09 6.92
C ARG B 171 -16.71 -27.17 7.98
N SER B 172 -17.79 -27.43 8.74
CA SER B 172 -17.74 -28.41 9.81
C SER B 172 -16.75 -27.95 10.87
N ASP B 173 -16.81 -26.65 11.17
CA ASP B 173 -15.95 -26.02 12.17
C ASP B 173 -14.47 -25.96 11.82
N VAL B 174 -14.14 -26.21 10.55
CA VAL B 174 -12.75 -26.14 10.09
C VAL B 174 -12.64 -24.88 9.23
N PRO B 175 -11.88 -23.87 9.71
CA PRO B 175 -11.69 -22.61 9.00
C PRO B 175 -11.01 -22.76 7.63
N PHE B 176 -11.50 -22.01 6.65
CA PHE B 176 -10.93 -22.10 5.31
C PHE B 176 -10.86 -20.75 4.60
N TRP B 177 -10.07 -20.74 3.53
CA TRP B 177 -9.93 -19.59 2.65
C TRP B 177 -10.49 -20.14 1.35
N ALA B 178 -11.33 -19.36 0.67
CA ALA B 178 -11.88 -19.77 -0.62
C ALA B 178 -10.94 -19.05 -1.59
N ILE B 179 -10.16 -19.83 -2.34
CA ILE B 179 -9.19 -19.26 -3.26
C ILE B 179 -9.48 -19.49 -4.73
N LYS B 180 -9.58 -18.39 -5.47
CA LYS B 180 -9.85 -18.46 -6.90
C LYS B 180 -8.54 -18.80 -7.60
N ASN B 181 -8.54 -19.90 -8.35
CA ASN B 181 -7.34 -20.31 -9.08
C ASN B 181 -7.53 -19.84 -10.52
N SER B 182 -6.56 -20.14 -11.37
CA SER B 182 -6.64 -19.74 -12.77
C SER B 182 -6.34 -20.90 -13.72
N TRP B 183 -6.84 -22.08 -13.37
CA TRP B 183 -6.62 -23.27 -14.19
C TRP B 183 -7.94 -23.80 -14.75
N GLY B 184 -8.92 -22.92 -14.94
CA GLY B 184 -10.20 -23.36 -15.48
C GLY B 184 -11.18 -23.85 -14.42
N THR B 185 -12.44 -23.98 -14.81
CA THR B 185 -13.49 -24.42 -13.88
C THR B 185 -13.55 -25.91 -13.64
N ASP B 186 -12.92 -26.70 -14.50
CA ASP B 186 -12.93 -28.15 -14.33
C ASP B 186 -11.93 -28.61 -13.28
N TRP B 187 -11.19 -27.66 -12.72
CA TRP B 187 -10.20 -27.98 -11.69
C TRP B 187 -10.75 -27.67 -10.31
N GLY B 188 -10.44 -28.53 -9.34
CA GLY B 188 -10.90 -28.32 -7.97
C GLY B 188 -12.40 -28.11 -7.84
N GLU B 189 -12.78 -27.28 -6.87
CA GLU B 189 -14.20 -26.98 -6.63
C GLU B 189 -14.65 -25.83 -7.52
N LYS B 190 -15.03 -26.17 -8.75
CA LYS B 190 -15.49 -25.20 -9.75
C LYS B 190 -14.43 -24.13 -10.02
N GLY B 191 -13.17 -24.56 -10.04
CA GLY B 191 -12.07 -23.65 -10.30
C GLY B 191 -11.47 -23.04 -9.04
N TYR B 192 -12.06 -23.38 -7.90
CA TYR B 192 -11.60 -22.87 -6.62
C TYR B 192 -10.83 -23.88 -5.77
N TYR B 193 -9.91 -23.35 -4.98
CA TYR B 193 -9.07 -24.13 -4.08
C TYR B 193 -9.42 -23.70 -2.66
N TYR B 194 -9.86 -24.64 -1.83
CA TYR B 194 -10.18 -24.32 -0.44
C TYR B 194 -9.00 -24.75 0.42
N LEU B 195 -8.44 -23.78 1.13
CA LEU B 195 -7.26 -23.99 1.96
C LEU B 195 -7.51 -23.70 3.43
N HIS B 196 -6.89 -24.50 4.30
CA HIS B 196 -7.03 -24.31 5.74
C HIS B 196 -6.63 -22.88 6.08
N ARG B 197 -7.42 -22.25 6.96
CA ARG B 197 -7.18 -20.88 7.37
C ARG B 197 -6.76 -20.81 8.85
N GLY B 198 -5.71 -20.05 9.13
CA GLY B 198 -5.25 -19.91 10.49
C GLY B 198 -3.97 -20.65 10.84
N SER B 199 -3.34 -21.27 9.85
CA SER B 199 -2.10 -22.01 10.12
C SER B 199 -0.94 -21.60 9.23
N GLY B 200 -1.08 -20.48 8.52
CA GLY B 200 -0.01 -20.02 7.65
C GLY B 200 0.19 -21.06 6.55
N ALA B 201 -0.87 -21.81 6.28
CA ALA B 201 -0.86 -22.87 5.29
C ALA B 201 -0.32 -22.42 3.93
N CYS B 202 0.71 -23.13 3.47
CA CYS B 202 1.33 -22.87 2.19
C CYS B 202 1.79 -21.43 2.01
N GLY B 203 2.12 -20.77 3.11
CA GLY B 203 2.59 -19.39 3.06
C GLY B 203 1.57 -18.39 2.52
N VAL B 204 0.30 -18.79 2.52
CA VAL B 204 -0.78 -17.94 2.00
C VAL B 204 -0.84 -16.54 2.62
N ASN B 205 -0.35 -16.41 3.85
CA ASN B 205 -0.38 -15.13 4.56
C ASN B 205 0.86 -14.26 4.40
N THR B 206 1.90 -14.80 3.78
CA THR B 206 3.17 -14.10 3.67
C THR B 206 3.34 -13.04 2.58
N MET B 207 2.56 -13.13 1.51
CA MET B 207 2.68 -12.16 0.43
C MET B 207 1.34 -11.67 -0.10
N ALA B 208 0.50 -11.20 0.81
CA ALA B 208 -0.82 -10.69 0.45
C ALA B 208 -0.69 -9.23 0.03
N SER B 209 -1.36 -8.86 -1.05
CA SER B 209 -1.28 -7.48 -1.52
C SER B 209 -2.53 -7.07 -2.25
N SER B 210 -2.60 -5.79 -2.59
CA SER B 210 -3.73 -5.26 -3.35
C SER B 210 -3.32 -3.97 -4.02
N ALA B 211 -3.89 -3.72 -5.18
CA ALA B 211 -3.61 -2.48 -5.89
C ALA B 211 -4.55 -1.47 -5.25
N VAL B 212 -4.27 -0.19 -5.47
CA VAL B 212 -5.11 0.89 -4.99
C VAL B 212 -5.52 1.56 -6.30
N VAL B 213 -6.77 1.39 -6.70
CA VAL B 213 -7.22 1.97 -7.96
C VAL B 213 -7.49 3.45 -7.80
N ASP B 214 -7.73 4.12 -8.89
CA ASP B 214 -7.98 5.53 -8.75
C ASP B 214 -9.34 5.80 -8.19
#